data_4Q0W
#
_entry.id   4Q0W
#
_cell.length_a   126.641
_cell.length_b   76.813
_cell.length_c   108.192
_cell.angle_alpha   90.00
_cell.angle_beta   90.00
_cell.angle_gamma   90.00
#
_symmetry.space_group_name_H-M   'P 21 21 2'
#
loop_
_entity.id
_entity.type
_entity.pdbx_description
1 polymer 'DNA repair protein RAD2'
2 polymer "DNA (5'-D(*TP*TP*TP*GP*AP*TP*CP*CP*GP*TP*CP*CP*AP*CP*CP*TP*TP*T)-3')"
3 polymer "DNA (5'-D(*TP*TP*AP*GP*GP*TP*GP*GP*AP*CP*GP*GP*AP*TP*CP*AP*TP*T)-3')"
4 non-polymer 'CALCIUM ION'
5 non-polymer 'POTASSIUM ION'
6 water water
#
loop_
_entity_poly.entity_id
_entity_poly.type
_entity_poly.pdbx_seq_one_letter_code
_entity_poly.pdbx_strand_id
1 'polypeptide(L)'
;GVHSFWDIAGPTARPVRLESLEDKRMAVDASIWIYQFLKAVRDQEGNAVKNSHITGFFRRICKLLYFGIRPVFVFDGGVP
VLKRETIRQRKERRQGKRESAKSTARKLLANTTLSTSAERNVAENAFVEDELFEQQMKDKRDSDEVTMDMIKEVQELLSR
FGIPYITAPMEAEAQCAELLQLNLVDGIITDDSDVFLFGGTKIYKNMFHEKNYVEFYDAESILKLLGLDRKNMIELAQLL
GSDYTNGLKGMGPVSSIEVIAEFGNLKNFKDWYNNGQFDKRKQETENKFEKDLRKKLVNNEIILDDDFPSVMVYDAYMRP
EVDHDTTPFVWGVPDLDMLRSFMKTQLGWPHEKSDEILIPLIRDV
;
A,B
2 'polydeoxyribonucleotide' (DT)(DT)(DT)(DG)(DA)(DT)(DC)(DC)(DG)(DT)(DC)(DC)(DA)(DC)(DC)(DT)(DT)(DT) C
3 'polydeoxyribonucleotide' (DT)(DT)(DA)(DG)(DG)(DT)(DG)(DG)(DA)(DC)(DG)(DG)(DA)(DT)(DC)(DA)(DT)(DT) D
#
loop_
_chem_comp.id
_chem_comp.type
_chem_comp.name
_chem_comp.formula
CA non-polymer 'CALCIUM ION' 'Ca 2'
DA DNA linking 2'-DEOXYADENOSINE-5'-MONOPHOSPHATE 'C10 H14 N5 O6 P'
DC DNA linking 2'-DEOXYCYTIDINE-5'-MONOPHOSPHATE 'C9 H14 N3 O7 P'
DG DNA linking 2'-DEOXYGUANOSINE-5'-MONOPHOSPHATE 'C10 H14 N5 O7 P'
DT DNA linking THYMIDINE-5'-MONOPHOSPHATE 'C10 H15 N2 O8 P'
K non-polymer 'POTASSIUM ION' 'K 1'
#
# COMPACT_ATOMS: atom_id res chain seq x y z
N GLY A 1 -16.37 13.35 5.34
CA GLY A 1 -15.47 12.87 6.37
C GLY A 1 -14.02 13.28 6.16
N VAL A 2 -13.20 13.02 7.16
CA VAL A 2 -11.77 13.26 7.04
C VAL A 2 -11.10 11.93 6.66
N HIS A 3 -10.30 11.97 5.60
CA HIS A 3 -9.69 10.74 5.10
C HIS A 3 -8.79 10.05 6.14
N SER A 4 -9.02 8.75 6.35
CA SER A 4 -8.24 7.94 7.31
C SER A 4 -8.52 8.27 8.77
N PHE A 5 -9.43 9.19 9.03
CA PHE A 5 -9.64 9.61 10.40
C PHE A 5 -10.13 8.48 11.31
N TRP A 6 -10.97 7.59 10.79
CA TRP A 6 -11.47 6.49 11.60
C TRP A 6 -10.33 5.53 11.97
N ASP A 7 -9.31 5.46 11.12
CA ASP A 7 -8.12 4.68 11.42
C ASP A 7 -7.42 5.26 12.66
N ILE A 8 -7.47 6.57 12.78
CA ILE A 8 -6.83 7.24 13.91
C ILE A 8 -7.70 7.16 15.16
N ALA A 9 -9.02 7.31 15.01
CA ALA A 9 -9.92 7.33 16.18
C ALA A 9 -10.33 5.93 16.64
N GLY A 10 -10.25 4.96 15.72
CA GLY A 10 -10.67 3.58 15.96
C GLY A 10 -10.34 3.00 17.32
N PRO A 11 -9.05 2.99 17.72
CA PRO A 11 -8.69 2.36 18.98
C PRO A 11 -9.32 3.00 20.21
N THR A 12 -9.98 4.16 20.06
CA THR A 12 -10.66 4.73 21.22
C THR A 12 -12.13 4.30 21.27
N ALA A 13 -12.57 3.54 20.28
CA ALA A 13 -13.98 3.16 20.19
C ALA A 13 -14.32 2.21 21.32
N ARG A 14 -15.51 2.38 21.88
CA ARG A 14 -16.02 1.47 22.90
C ARG A 14 -17.32 0.81 22.44
N PRO A 15 -17.35 -0.52 22.43
CA PRO A 15 -18.53 -1.29 22.02
C PRO A 15 -19.68 -1.04 22.99
N VAL A 16 -20.85 -0.74 22.45
CA VAL A 16 -22.02 -0.47 23.29
C VAL A 16 -23.21 -1.27 22.76
N ARG A 17 -23.95 -1.90 23.68
CA ARG A 17 -25.12 -2.71 23.32
C ARG A 17 -26.33 -1.87 22.92
N LEU A 18 -26.99 -2.27 21.84
CA LEU A 18 -28.15 -1.53 21.35
C LEU A 18 -29.19 -1.39 22.46
N GLU A 19 -29.31 -2.42 23.29
CA GLU A 19 -30.22 -2.41 24.43
C GLU A 19 -30.01 -1.25 25.42
N SER A 20 -28.77 -0.76 25.52
CA SER A 20 -28.43 0.31 26.46
CA SER A 20 -28.47 0.29 26.48
C SER A 20 -28.96 1.67 26.04
N LEU A 21 -29.29 1.81 24.75
CA LEU A 21 -29.67 3.10 24.21
C LEU A 21 -31.13 3.45 24.44
N GLU A 22 -31.83 2.60 25.21
CA GLU A 22 -33.25 2.79 25.46
C GLU A 22 -33.54 4.18 26.02
N ASP A 23 -34.52 4.85 25.41
CA ASP A 23 -34.93 6.23 25.77
C ASP A 23 -33.95 7.34 25.39
N LYS A 24 -32.80 7.00 24.83
CA LYS A 24 -31.86 8.01 24.36
CA LYS A 24 -31.87 8.02 24.37
C LYS A 24 -32.47 8.83 23.22
N ARG A 25 -32.33 10.15 23.29
CA ARG A 25 -32.68 11.01 22.17
C ARG A 25 -31.44 11.01 21.27
N MET A 26 -31.62 10.69 19.99
CA MET A 26 -30.48 10.55 19.08
C MET A 26 -30.69 11.34 17.80
N ALA A 27 -29.77 12.24 17.49
CA ALA A 27 -29.82 12.91 16.19
C ALA A 27 -29.41 11.89 15.14
N VAL A 28 -30.27 11.64 14.16
CA VAL A 28 -29.90 10.70 13.10
C VAL A 28 -29.47 11.46 11.86
N ASP A 29 -28.23 11.27 11.47
CA ASP A 29 -27.70 11.91 10.26
C ASP A 29 -28.12 11.06 9.06
N ALA A 30 -29.17 11.48 8.37
CA ALA A 30 -29.73 10.65 7.31
C ALA A 30 -29.41 11.23 5.95
N SER A 31 -28.40 12.10 5.91
CA SER A 31 -28.06 12.87 4.71
C SER A 31 -27.70 12.05 3.46
N ILE A 32 -27.12 10.87 3.63
CA ILE A 32 -26.74 10.07 2.47
C ILE A 32 -27.45 8.71 2.37
N TRP A 33 -28.43 8.49 3.24
CA TRP A 33 -29.18 7.23 3.23
C TRP A 33 -29.83 6.92 1.87
N ILE A 34 -30.51 7.91 1.28
CA ILE A 34 -31.24 7.64 0.03
C ILE A 34 -30.28 7.16 -1.05
N TYR A 35 -29.24 7.95 -1.30
CA TYR A 35 -28.26 7.63 -2.34
C TYR A 35 -27.64 6.27 -2.06
N GLN A 36 -27.40 6.01 -0.79
CA GLN A 36 -26.81 4.76 -0.35
C GLN A 36 -27.70 3.54 -0.66
N PHE A 37 -29.00 3.68 -0.38
CA PHE A 37 -29.94 2.60 -0.65
C PHE A 37 -30.10 2.38 -2.16
N LEU A 38 -30.06 3.47 -2.92
CA LEU A 38 -30.06 3.41 -4.38
C LEU A 38 -28.93 2.55 -4.91
N LYS A 39 -27.73 2.76 -4.37
CA LYS A 39 -26.53 2.06 -4.86
C LYS A 39 -26.36 0.67 -4.25
N ALA A 40 -26.86 0.48 -3.03
CA ALA A 40 -26.66 -0.77 -2.31
C ALA A 40 -27.69 -1.84 -2.66
N VAL A 41 -28.82 -1.42 -3.22
CA VAL A 41 -29.92 -2.34 -3.52
C VAL A 41 -30.30 -2.33 -5.00
N ARG A 42 -29.96 -3.42 -5.69
CA ARG A 42 -30.25 -3.57 -7.12
C ARG A 42 -30.67 -4.99 -7.52
N ASP A 43 -31.16 -5.12 -8.75
CA ASP A 43 -31.67 -6.39 -9.28
C ASP A 43 -30.61 -7.19 -10.02
N GLN A 44 -30.78 -7.30 -11.33
CA GLN A 44 -29.83 -7.97 -12.21
C GLN A 44 -29.65 -7.19 -13.51
N ASN A 47 -29.44 -2.95 -11.71
CA ASN A 47 -30.22 -1.71 -11.70
C ASN A 47 -31.03 -1.55 -10.42
N ALA A 48 -31.18 -0.31 -9.97
CA ALA A 48 -31.85 0.00 -8.70
C ALA A 48 -33.24 -0.61 -8.57
N VAL A 49 -33.47 -1.37 -7.49
CA VAL A 49 -34.82 -1.87 -7.19
C VAL A 49 -35.71 -0.70 -6.75
N LYS A 50 -36.99 -0.77 -7.13
CA LYS A 50 -37.94 0.32 -6.90
C LYS A 50 -38.19 0.66 -5.42
N ASN A 51 -38.21 1.96 -5.12
CA ASN A 51 -38.50 2.48 -3.79
C ASN A 51 -37.63 1.88 -2.65
N SER A 52 -36.41 1.50 -2.99
CA SER A 52 -35.46 0.98 -2.01
C SER A 52 -35.18 1.99 -0.90
N HIS A 53 -35.36 3.27 -1.21
CA HIS A 53 -35.22 4.31 -0.19
C HIS A 53 -36.31 4.17 0.89
N ILE A 54 -37.50 3.74 0.47
CA ILE A 54 -38.59 3.53 1.42
C ILE A 54 -38.32 2.29 2.26
N THR A 55 -37.97 1.19 1.59
CA THR A 55 -37.65 -0.05 2.27
CA THR A 55 -37.65 -0.06 2.27
C THR A 55 -36.50 0.18 3.26
N GLY A 56 -35.47 0.87 2.81
CA GLY A 56 -34.30 1.15 3.62
C GLY A 56 -34.62 1.97 4.84
N PHE A 57 -35.27 3.12 4.64
CA PHE A 57 -35.66 3.96 5.77
C PHE A 57 -36.56 3.21 6.75
N PHE A 58 -37.55 2.48 6.22
CA PHE A 58 -38.49 1.77 7.10
C PHE A 58 -37.77 0.79 8.05
N ARG A 59 -36.87 -0.01 7.49
CA ARG A 59 -36.11 -0.98 8.26
C ARG A 59 -35.23 -0.35 9.36
N ARG A 60 -34.59 0.77 9.03
CA ARG A 60 -33.74 1.44 10.01
C ARG A 60 -34.57 2.12 11.10
N ILE A 61 -35.70 2.72 10.72
CA ILE A 61 -36.60 3.34 11.70
C ILE A 61 -37.09 2.30 12.70
N CYS A 62 -37.43 1.12 12.19
CA CYS A 62 -37.95 0.06 13.06
C CYS A 62 -36.86 -0.41 14.03
N LYS A 63 -35.61 -0.48 13.58
CA LYS A 63 -34.51 -0.89 14.45
C LYS A 63 -34.37 0.10 15.61
N LEU A 64 -34.36 1.39 15.28
CA LEU A 64 -34.29 2.44 16.31
C LEU A 64 -35.45 2.33 17.30
N LEU A 65 -36.66 2.16 16.78
CA LEU A 65 -37.83 2.12 17.63
C LEU A 65 -37.84 0.85 18.48
N TYR A 66 -37.37 -0.24 17.90
CA TYR A 66 -37.25 -1.51 18.60
C TYR A 66 -36.44 -1.40 19.89
N PHE A 67 -35.39 -0.59 19.89
CA PHE A 67 -34.55 -0.46 21.08
C PHE A 67 -34.95 0.76 21.90
N GLY A 68 -36.08 1.35 21.54
CA GLY A 68 -36.64 2.44 22.32
C GLY A 68 -35.91 3.77 22.14
N ILE A 69 -35.13 3.87 21.06
CA ILE A 69 -34.44 5.13 20.76
C ILE A 69 -35.46 6.17 20.29
N ARG A 70 -35.28 7.41 20.74
CA ARG A 70 -36.11 8.52 20.28
C ARG A 70 -35.33 9.35 19.24
N PRO A 71 -35.50 9.02 17.95
CA PRO A 71 -34.66 9.66 16.94
C PRO A 71 -35.17 11.03 16.52
N VAL A 72 -34.26 11.90 16.11
CA VAL A 72 -34.65 13.03 15.29
C VAL A 72 -33.80 13.04 14.03
N PHE A 73 -34.47 12.96 12.90
CA PHE A 73 -33.78 12.81 11.62
C PHE A 73 -33.30 14.17 11.12
N VAL A 74 -32.07 14.19 10.62
CA VAL A 74 -31.53 15.44 10.10
C VAL A 74 -31.13 15.25 8.65
N PHE A 75 -31.63 16.13 7.79
CA PHE A 75 -31.30 16.11 6.36
C PHE A 75 -30.39 17.28 5.98
N ASP A 76 -29.60 17.12 4.90
CA ASP A 76 -28.78 18.20 4.38
C ASP A 76 -29.66 19.30 3.77
N GLY A 77 -29.26 20.55 3.97
CA GLY A 77 -29.76 21.64 3.14
C GLY A 77 -28.77 21.85 2.00
N GLY A 78 -28.11 23.00 1.99
CA GLY A 78 -27.18 23.28 0.91
C GLY A 78 -25.82 22.61 1.03
N VAL A 79 -25.02 22.75 -0.02
CA VAL A 79 -23.62 22.35 0.01
C VAL A 79 -22.82 23.64 0.21
N PRO A 80 -22.02 23.69 1.30
CA PRO A 80 -21.21 24.88 1.56
C PRO A 80 -20.27 25.17 0.39
N VAL A 81 -20.03 26.45 0.12
CA VAL A 81 -19.19 26.86 -1.01
C VAL A 81 -17.81 26.18 -0.96
N LEU A 82 -17.21 26.12 0.22
CA LEU A 82 -15.87 25.56 0.37
C LEU A 82 -15.80 24.09 -0.06
N LYS A 83 -16.87 23.36 0.25
CA LYS A 83 -17.00 21.96 -0.20
C LYS A 83 -17.10 21.86 -1.72
N ARG A 84 -17.97 22.68 -2.33
CA ARG A 84 -18.13 22.65 -3.78
C ARG A 84 -16.79 22.94 -4.45
N GLU A 85 -16.05 23.90 -3.89
CA GLU A 85 -14.77 24.28 -4.46
C GLU A 85 -13.73 23.17 -4.30
N THR A 86 -13.64 22.60 -3.10
CA THR A 86 -12.69 21.53 -2.81
C THR A 86 -12.89 20.34 -3.75
N ILE A 87 -14.12 19.87 -3.80
CA ILE A 87 -14.45 18.70 -4.60
C ILE A 87 -14.21 18.92 -6.10
N ARG A 88 -14.65 20.07 -6.61
CA ARG A 88 -14.46 20.33 -8.03
C ARG A 88 -12.96 20.40 -8.37
N GLN A 89 -12.17 20.99 -7.47
CA GLN A 89 -10.73 21.08 -7.72
C GLN A 89 -10.09 19.69 -7.68
N ARG A 90 -10.56 18.86 -6.75
CA ARG A 90 -10.06 17.49 -6.65
C ARG A 90 -10.28 16.77 -8.00
N LYS A 91 -11.48 16.89 -8.54
CA LYS A 91 -11.82 16.24 -9.81
C LYS A 91 -11.00 16.80 -10.96
N GLU A 92 -10.85 18.13 -10.97
CA GLU A 92 -10.12 18.79 -12.05
C GLU A 92 -8.69 18.28 -12.13
N ARG A 93 -8.06 18.07 -10.98
CA ARG A 93 -6.67 17.63 -10.92
C ARG A 93 -6.48 16.15 -11.23
N ARG A 94 -7.50 15.34 -10.97
CA ARG A 94 -7.45 13.92 -11.32
C ARG A 94 -7.64 13.77 -12.82
N GLN A 95 -8.60 14.53 -13.37
CA GLN A 95 -8.81 14.61 -14.81
C GLN A 95 -7.53 15.09 -15.48
N GLY A 96 -6.91 16.10 -14.87
CA GLY A 96 -5.64 16.62 -15.34
C GLY A 96 -4.47 15.75 -14.91
N LYS A 97 -4.63 14.44 -15.08
CA LYS A 97 -3.59 13.46 -14.83
C LYS A 97 -3.65 12.46 -15.97
N ARG A 98 -4.85 12.29 -16.53
CA ARG A 98 -5.09 11.35 -17.62
C ARG A 98 -5.30 12.03 -18.97
N GLU A 99 -5.22 13.37 -19.00
CA GLU A 99 -5.47 14.11 -20.22
C GLU A 99 -4.19 14.69 -20.81
N ASP A 144 -30.28 6.68 -11.06
CA ASP A 144 -29.69 6.63 -9.73
C ASP A 144 -29.34 8.02 -9.19
N GLU A 145 -30.32 8.92 -9.20
CA GLU A 145 -30.15 10.24 -8.58
C GLU A 145 -31.21 10.46 -7.50
N VAL A 146 -30.89 11.30 -6.53
CA VAL A 146 -31.84 11.59 -5.46
C VAL A 146 -32.82 12.67 -5.89
N THR A 147 -34.07 12.28 -6.05
CA THR A 147 -35.10 13.22 -6.47
C THR A 147 -35.77 13.89 -5.27
N MET A 148 -36.32 15.07 -5.50
CA MET A 148 -37.04 15.81 -4.47
C MET A 148 -38.20 14.98 -3.90
N ASP A 149 -38.80 14.13 -4.72
CA ASP A 149 -39.92 13.31 -4.29
C ASP A 149 -39.49 12.18 -3.37
N MET A 150 -38.30 11.63 -3.62
CA MET A 150 -37.77 10.60 -2.73
C MET A 150 -37.62 11.16 -1.34
N ILE A 151 -37.14 12.40 -1.25
CA ILE A 151 -36.95 13.09 0.01
C ILE A 151 -38.29 13.34 0.71
N LYS A 152 -39.25 13.86 -0.04
CA LYS A 152 -40.60 14.10 0.49
C LYS A 152 -41.23 12.81 0.99
N GLU A 153 -40.98 11.72 0.26
CA GLU A 153 -41.52 10.41 0.60
C GLU A 153 -41.00 9.88 1.95
N VAL A 154 -39.69 9.92 2.14
CA VAL A 154 -39.12 9.42 3.39
C VAL A 154 -39.55 10.32 4.53
N GLN A 155 -39.72 11.61 4.25
CA GLN A 155 -40.17 12.52 5.31
C GLN A 155 -41.64 12.28 5.67
N GLU A 156 -42.44 11.89 4.68
CA GLU A 156 -43.84 11.53 4.95
C GLU A 156 -43.86 10.28 5.83
N LEU A 157 -43.03 9.31 5.50
CA LEU A 157 -42.90 8.10 6.29
C LEU A 157 -42.55 8.46 7.73
N LEU A 158 -41.53 9.30 7.89
CA LEU A 158 -41.10 9.76 9.21
C LEU A 158 -42.26 10.36 10.01
N SER A 159 -43.06 11.20 9.38
CA SER A 159 -44.13 11.87 10.12
C SER A 159 -45.28 10.91 10.49
N ARG A 160 -45.55 9.93 9.63
CA ARG A 160 -46.54 8.90 9.97
C ARG A 160 -46.06 8.00 11.12
N PHE A 161 -44.74 7.95 11.32
CA PHE A 161 -44.16 7.26 12.47
C PHE A 161 -44.18 8.17 13.69
N GLY A 162 -44.53 9.44 13.49
CA GLY A 162 -44.47 10.42 14.57
C GLY A 162 -43.04 10.82 14.95
N ILE A 163 -42.10 10.65 14.02
CA ILE A 163 -40.69 10.98 14.27
C ILE A 163 -40.35 12.36 13.72
N PRO A 164 -39.84 13.24 14.61
CA PRO A 164 -39.47 14.58 14.18
C PRO A 164 -38.26 14.56 13.26
N TYR A 165 -38.26 15.46 12.28
CA TYR A 165 -37.12 15.60 11.37
C TYR A 165 -36.94 17.08 11.11
N ILE A 166 -35.72 17.46 10.71
CA ILE A 166 -35.42 18.83 10.31
C ILE A 166 -34.51 18.79 9.09
N THR A 167 -34.48 19.89 8.35
CA THR A 167 -33.49 20.01 7.29
C THR A 167 -32.49 21.05 7.76
N ALA A 168 -31.23 20.66 7.85
CA ALA A 168 -30.16 21.58 8.21
C ALA A 168 -30.06 22.66 7.14
N PRO A 169 -29.70 23.89 7.55
CA PRO A 169 -29.41 24.96 6.59
C PRO A 169 -28.39 24.49 5.57
N MET A 170 -27.36 23.79 6.05
CA MET A 170 -26.32 23.26 5.18
C MET A 170 -26.05 21.78 5.49
N GLU A 171 -24.91 21.48 6.11
CA GLU A 171 -24.55 20.08 6.35
C GLU A 171 -25.26 19.46 7.55
N ALA A 172 -25.79 18.26 7.37
CA ALA A 172 -26.53 17.58 8.43
C ALA A 172 -25.67 17.30 9.67
N GLU A 173 -24.43 16.86 9.45
CA GLU A 173 -23.53 16.52 10.57
C GLU A 173 -23.27 17.72 11.46
N ALA A 174 -23.12 18.89 10.84
CA ALA A 174 -22.91 20.11 11.60
C ALA A 174 -24.13 20.40 12.46
N GLN A 175 -25.30 20.28 11.87
CA GLN A 175 -26.54 20.50 12.61
C GLN A 175 -26.70 19.48 13.74
N CYS A 176 -26.32 18.23 13.49
CA CYS A 176 -26.37 17.21 14.55
C CYS A 176 -25.52 17.62 15.75
N ALA A 177 -24.30 18.07 15.48
CA ALA A 177 -23.39 18.50 16.56
C ALA A 177 -24.02 19.64 17.37
N GLU A 178 -24.71 20.54 16.68
CA GLU A 178 -25.37 21.66 17.33
C GLU A 178 -26.53 21.17 18.22
N LEU A 179 -27.31 20.21 17.73
CA LEU A 179 -28.39 19.64 18.53
C LEU A 179 -27.86 19.06 19.83
N LEU A 180 -26.73 18.36 19.75
CA LEU A 180 -26.14 17.77 20.94
C LEU A 180 -25.66 18.88 21.88
N GLN A 181 -24.95 19.86 21.34
CA GLN A 181 -24.41 20.96 22.16
C GLN A 181 -25.52 21.70 22.94
N LEU A 182 -26.72 21.76 22.35
CA LEU A 182 -27.84 22.43 22.99
C LEU A 182 -28.68 21.47 23.81
N ASN A 183 -28.17 20.26 24.01
CA ASN A 183 -28.87 19.23 24.77
C ASN A 183 -30.29 18.91 24.24
N LEU A 184 -30.47 19.03 22.94
CA LEU A 184 -31.74 18.65 22.33
C LEU A 184 -31.77 17.16 22.05
N VAL A 185 -30.58 16.54 22.00
CA VAL A 185 -30.42 15.09 21.89
C VAL A 185 -29.35 14.63 22.86
N ASP A 186 -29.20 13.31 23.00
CA ASP A 186 -28.21 12.75 23.92
C ASP A 186 -27.04 12.14 23.18
N GLY A 187 -27.16 12.02 21.87
CA GLY A 187 -26.12 11.37 21.08
C GLY A 187 -26.35 11.59 19.59
N ILE A 188 -25.37 11.22 18.78
CA ILE A 188 -25.47 11.40 17.34
C ILE A 188 -25.19 10.08 16.63
N ILE A 189 -26.12 9.68 15.77
CA ILE A 189 -25.91 8.49 14.96
C ILE A 189 -25.45 8.93 13.58
N THR A 190 -24.19 8.63 13.28
CA THR A 190 -23.59 8.96 11.98
C THR A 190 -22.35 8.11 11.80
N ASP A 191 -21.92 7.93 10.55
CA ASP A 191 -20.65 7.29 10.31
C ASP A 191 -19.62 8.28 9.75
N ASP A 192 -20.02 9.53 9.61
CA ASP A 192 -19.18 10.53 8.94
C ASP A 192 -18.30 11.26 9.95
N SER A 193 -16.99 11.06 9.84
CA SER A 193 -16.03 11.64 10.78
C SER A 193 -16.04 13.17 10.86
N ASP A 194 -16.64 13.85 9.89
CA ASP A 194 -16.73 15.33 9.96
C ASP A 194 -17.42 15.82 11.22
N VAL A 195 -18.30 14.99 11.79
CA VAL A 195 -19.09 15.38 12.96
C VAL A 195 -18.19 15.83 14.14
N PHE A 196 -17.03 15.20 14.30
CA PHE A 196 -16.11 15.59 15.38
C PHE A 196 -15.59 17.02 15.13
N LEU A 197 -15.22 17.31 13.89
CA LEU A 197 -14.67 18.62 13.52
C LEU A 197 -15.70 19.72 13.69
N PHE A 198 -16.98 19.39 13.49
CA PHE A 198 -18.06 20.33 13.76
C PHE A 198 -18.41 20.37 15.25
N GLY A 199 -17.58 19.75 16.09
CA GLY A 199 -17.81 19.81 17.52
C GLY A 199 -18.78 18.77 18.09
N GLY A 200 -19.08 17.73 17.32
CA GLY A 200 -19.93 16.66 17.82
C GLY A 200 -19.12 15.84 18.81
N THR A 201 -19.72 15.44 19.93
CA THR A 201 -18.93 14.77 20.97
C THR A 201 -19.35 13.37 21.38
N LYS A 202 -20.52 12.89 20.99
CA LYS A 202 -20.97 11.56 21.43
C LYS A 202 -21.55 10.78 20.26
N ILE A 203 -20.68 10.07 19.56
CA ILE A 203 -20.96 9.59 18.22
C ILE A 203 -21.21 8.09 18.24
N TYR A 204 -22.28 7.64 17.59
CA TYR A 204 -22.53 6.21 17.47
C TYR A 204 -22.38 5.75 16.03
N LYS A 205 -21.32 4.98 15.78
CA LYS A 205 -20.92 4.57 14.44
C LYS A 205 -21.29 3.10 14.19
N ASN A 206 -21.61 2.75 12.95
CA ASN A 206 -21.98 1.39 12.55
C ASN A 206 -23.30 0.93 13.18
N MET A 207 -24.17 1.89 13.45
CA MET A 207 -25.48 1.62 14.04
C MET A 207 -26.31 0.64 13.19
N PHE A 208 -26.16 0.68 11.87
CA PHE A 208 -26.97 -0.19 11.03
C PHE A 208 -26.19 -1.33 10.38
N HIS A 209 -25.03 -1.65 10.97
CA HIS A 209 -24.38 -2.92 10.69
C HIS A 209 -25.18 -4.04 11.34
N GLU A 210 -24.99 -5.27 10.86
CA GLU A 210 -25.73 -6.40 11.41
C GLU A 210 -25.03 -6.98 12.65
N LYS A 211 -25.05 -6.23 13.75
CA LYS A 211 -24.32 -6.61 14.97
C LYS A 211 -25.14 -6.36 16.23
N ASN A 212 -24.76 -7.01 17.33
CA ASN A 212 -25.45 -6.78 18.59
C ASN A 212 -25.01 -5.47 19.27
N TYR A 213 -23.90 -4.91 18.79
CA TYR A 213 -23.34 -3.70 19.38
C TYR A 213 -23.18 -2.56 18.36
N VAL A 214 -22.91 -1.36 18.89
CA VAL A 214 -22.64 -0.17 18.07
C VAL A 214 -21.34 0.45 18.61
N GLU A 215 -20.56 1.10 17.75
CA GLU A 215 -19.30 1.72 18.21
C GLU A 215 -19.51 3.14 18.74
N PHE A 216 -19.20 3.34 20.00
CA PHE A 216 -19.37 4.66 20.62
C PHE A 216 -18.04 5.42 20.66
N TYR A 217 -18.07 6.70 20.27
CA TYR A 217 -16.86 7.54 20.29
C TYR A 217 -17.19 8.82 21.00
N ASP A 218 -16.25 9.32 21.80
CA ASP A 218 -16.43 10.68 22.29
C ASP A 218 -15.16 11.53 22.27
N ALA A 219 -15.35 12.83 22.14
CA ALA A 219 -14.27 13.78 21.96
C ALA A 219 -13.33 13.77 23.15
N GLU A 220 -13.88 13.53 24.33
CA GLU A 220 -13.09 13.52 25.56
C GLU A 220 -12.08 12.38 25.56
N SER A 221 -12.49 11.20 25.09
CA SER A 221 -11.59 10.06 24.99
C SER A 221 -10.55 10.29 23.89
N ILE A 222 -10.98 10.91 22.79
CA ILE A 222 -10.04 11.20 21.72
C ILE A 222 -8.96 12.15 22.25
N LEU A 223 -9.39 13.18 22.99
CA LEU A 223 -8.47 14.13 23.64
C LEU A 223 -7.56 13.42 24.64
N LYS A 224 -8.16 12.75 25.62
CA LYS A 224 -7.39 12.07 26.67
C LYS A 224 -6.47 10.99 26.15
N LEU A 225 -6.94 10.18 25.20
CA LEU A 225 -6.14 9.04 24.77
C LEU A 225 -5.21 9.34 23.59
N LEU A 226 -5.59 10.29 22.74
CA LEU A 226 -4.81 10.56 21.53
C LEU A 226 -4.16 11.94 21.56
N GLY A 227 -4.57 12.77 22.51
CA GLY A 227 -3.99 14.08 22.65
C GLY A 227 -4.51 15.02 21.58
N LEU A 228 -5.66 14.69 21.00
CA LEU A 228 -6.20 15.51 19.91
C LEU A 228 -7.41 16.31 20.36
N ASP A 229 -7.31 17.64 20.29
CA ASP A 229 -8.49 18.47 20.55
C ASP A 229 -9.17 18.84 19.23
N ARG A 230 -10.18 19.69 19.29
CA ARG A 230 -10.95 20.02 18.10
C ARG A 230 -10.08 20.73 17.06
N LYS A 231 -9.28 21.69 17.50
CA LYS A 231 -8.39 22.41 16.58
C LYS A 231 -7.37 21.44 15.95
N ASN A 232 -6.82 20.52 16.75
CA ASN A 232 -5.94 19.49 16.20
C ASN A 232 -6.59 18.71 15.08
N MET A 233 -7.84 18.29 15.30
CA MET A 233 -8.60 17.51 14.30
C MET A 233 -8.82 18.33 13.04
N ILE A 234 -9.12 19.61 13.22
CA ILE A 234 -9.35 20.48 12.07
C ILE A 234 -8.02 20.64 11.30
N GLU A 235 -6.89 20.62 12.01
CA GLU A 235 -5.61 20.78 11.32
C GLU A 235 -5.16 19.47 10.68
N LEU A 236 -5.48 18.35 11.32
CA LEU A 236 -5.32 17.03 10.68
C LEU A 236 -6.07 16.96 9.34
N ALA A 237 -7.27 17.52 9.29
CA ALA A 237 -8.04 17.52 8.05
C ALA A 237 -7.22 18.14 6.92
N GLN A 238 -6.47 19.18 7.25
CA GLN A 238 -5.67 19.88 6.24
C GLN A 238 -4.41 19.13 5.83
N LEU A 239 -4.12 18.03 6.49
CA LEU A 239 -3.03 17.16 6.03
C LEU A 239 -3.62 15.97 5.27
N LEU A 240 -4.63 15.36 5.87
CA LEU A 240 -5.24 14.13 5.39
C LEU A 240 -6.19 14.38 4.22
N GLY A 241 -6.84 15.54 4.23
CA GLY A 241 -7.88 15.83 3.25
C GLY A 241 -9.27 15.56 3.81
N SER A 242 -10.26 16.37 3.38
CA SER A 242 -11.66 16.14 3.75
C SER A 242 -12.49 16.84 2.69
N ASP A 243 -13.77 17.00 2.95
CA ASP A 243 -14.64 17.76 2.04
C ASP A 243 -14.22 19.23 1.92
N TYR A 244 -13.43 19.72 2.87
CA TYR A 244 -13.13 21.16 2.93
C TYR A 244 -11.71 21.53 2.54
N THR A 245 -10.90 20.52 2.23
CA THR A 245 -9.50 20.72 1.88
C THR A 245 -9.00 19.44 1.25
N ASN A 246 -8.13 19.59 0.25
CA ASN A 246 -7.51 18.43 -0.39
C ASN A 246 -6.21 17.97 0.27
N GLY A 247 -5.84 18.59 1.38
CA GLY A 247 -4.72 18.08 2.18
C GLY A 247 -3.38 18.11 1.46
N LEU A 248 -2.43 17.30 1.93
CA LEU A 248 -1.09 17.32 1.34
C LEU A 248 -0.69 15.96 0.80
N LYS A 249 -0.13 15.94 -0.40
CA LYS A 249 0.39 14.69 -0.96
C LYS A 249 1.40 14.07 0.00
N GLY A 250 1.32 12.75 0.18
CA GLY A 250 2.27 12.06 1.03
C GLY A 250 1.84 12.01 2.48
N MET A 251 0.84 12.81 2.86
CA MET A 251 0.38 12.79 4.25
C MET A 251 -0.76 11.79 4.49
N GLY A 252 -0.39 10.60 4.95
CA GLY A 252 -1.39 9.64 5.42
C GLY A 252 -1.52 9.75 6.93
N PRO A 253 -2.29 8.84 7.56
CA PRO A 253 -2.58 8.97 8.99
C PRO A 253 -1.32 8.92 9.85
N VAL A 254 -0.31 8.16 9.43
CA VAL A 254 0.91 8.07 10.22
C VAL A 254 1.68 9.39 10.21
N SER A 255 1.97 9.87 9.01
CA SER A 255 2.77 11.08 8.87
C SER A 255 2.04 12.30 9.43
N SER A 256 0.71 12.32 9.27
CA SER A 256 -0.07 13.48 9.71
C SER A 256 -0.07 13.60 11.23
N ILE A 257 -0.26 12.47 11.90
CA ILE A 257 -0.19 12.43 13.35
C ILE A 257 1.19 12.87 13.83
N GLU A 258 2.25 12.41 13.14
CA GLU A 258 3.61 12.79 13.52
C GLU A 258 3.81 14.30 13.43
N VAL A 259 3.33 14.90 12.35
CA VAL A 259 3.43 16.34 12.17
C VAL A 259 2.80 17.12 13.33
N ILE A 260 1.58 16.74 13.71
CA ILE A 260 0.89 17.43 14.79
C ILE A 260 1.64 17.22 16.11
N ALA A 261 2.11 15.99 16.34
CA ALA A 261 2.85 15.69 17.57
C ALA A 261 4.16 16.46 17.65
N GLU A 262 4.90 16.50 16.56
CA GLU A 262 6.22 17.11 16.59
C GLU A 262 6.20 18.64 16.53
N PHE A 263 5.24 19.22 15.81
CA PHE A 263 5.20 20.68 15.67
C PHE A 263 4.11 21.39 16.47
N GLY A 264 3.14 20.63 16.99
CA GLY A 264 2.06 21.22 17.75
C GLY A 264 0.94 21.77 16.87
N ASN A 265 1.30 22.57 15.88
CA ASN A 265 0.32 23.09 14.93
C ASN A 265 0.93 23.36 13.54
N LEU A 266 0.06 23.65 12.58
CA LEU A 266 0.46 23.77 11.18
C LEU A 266 1.28 25.03 10.90
N LYS A 267 1.04 26.09 11.66
CA LYS A 267 1.83 27.32 11.52
C LYS A 267 3.28 27.04 11.87
N ASN A 268 3.48 26.36 13.00
CA ASN A 268 4.82 25.95 13.41
C ASN A 268 5.47 25.02 12.39
N PHE A 269 4.68 24.11 11.84
CA PHE A 269 5.16 23.19 10.82
C PHE A 269 5.58 24.01 9.57
N LYS A 270 4.71 24.91 9.12
CA LYS A 270 5.01 25.72 7.95
C LYS A 270 6.29 26.53 8.16
N ASP A 271 6.36 27.24 9.29
CA ASP A 271 7.54 28.06 9.58
C ASP A 271 8.81 27.21 9.55
N TRP A 272 8.75 26.03 10.17
CA TRP A 272 9.90 25.12 10.14
C TRP A 272 10.33 24.76 8.72
N TYR A 273 9.37 24.38 7.90
CA TYR A 273 9.65 23.99 6.51
C TYR A 273 10.18 25.17 5.70
N ASN A 274 9.42 26.25 5.71
CA ASN A 274 9.79 27.42 4.91
C ASN A 274 11.10 28.08 5.36
N ASN A 275 11.27 28.27 6.67
CA ASN A 275 12.51 28.89 7.16
C ASN A 275 13.73 28.08 6.75
N GLY A 276 13.61 26.76 6.83
CA GLY A 276 14.71 25.87 6.50
C GLY A 276 14.96 25.76 5.00
N GLN A 277 13.91 25.95 4.21
CA GLN A 277 14.06 25.94 2.75
C GLN A 277 14.81 27.19 2.32
N PHE A 278 14.55 28.31 2.99
CA PHE A 278 15.28 29.52 2.66
C PHE A 278 16.68 29.56 3.26
N ASP A 279 16.75 29.60 4.58
CA ASP A 279 18.04 29.62 5.27
C ASP A 279 18.48 28.18 5.45
N LYS A 280 19.24 27.68 4.47
CA LYS A 280 19.72 26.31 4.50
C LYS A 280 20.60 26.02 5.70
N ARG A 281 21.13 27.08 6.32
CA ARG A 281 21.99 26.93 7.49
C ARG A 281 21.19 26.33 8.64
N LYS A 282 19.88 26.61 8.65
CA LYS A 282 19.00 26.10 9.69
C LYS A 282 18.74 24.60 9.51
N GLN A 283 19.15 24.03 8.37
CA GLN A 283 18.97 22.61 8.11
C GLN A 283 20.02 21.74 8.80
N GLU A 284 21.25 22.25 8.89
CA GLU A 284 22.38 21.48 9.39
C GLU A 284 22.15 20.86 10.77
N THR A 285 21.34 21.53 11.58
CA THR A 285 21.16 21.12 12.97
C THR A 285 19.92 20.24 13.20
N GLU A 286 19.06 20.13 12.19
CA GLU A 286 17.82 19.37 12.39
C GLU A 286 18.05 17.86 12.45
N ASN A 287 17.18 17.17 13.19
CA ASN A 287 17.36 15.76 13.47
C ASN A 287 16.96 14.86 12.32
N LYS A 288 16.94 13.56 12.60
CA LYS A 288 16.59 12.56 11.60
C LYS A 288 15.18 12.78 11.08
N PHE A 289 14.22 12.85 12.00
CA PHE A 289 12.82 13.03 11.65
C PHE A 289 12.60 14.23 10.74
N GLU A 290 13.20 15.36 11.11
CA GLU A 290 13.07 16.61 10.36
C GLU A 290 13.78 16.59 8.99
N LYS A 291 14.96 15.98 8.94
CA LYS A 291 15.70 15.86 7.68
C LYS A 291 14.97 14.91 6.73
N ASP A 292 14.43 13.81 7.27
CA ASP A 292 13.65 12.88 6.46
C ASP A 292 12.33 13.48 6.00
N LEU A 293 11.63 14.13 6.93
CA LEU A 293 10.36 14.77 6.58
C LEU A 293 10.55 15.85 5.51
N ARG A 294 11.59 16.66 5.66
CA ARG A 294 11.86 17.71 4.69
C ARG A 294 12.09 17.13 3.31
N LYS A 295 12.95 16.11 3.24
CA LYS A 295 13.25 15.46 1.98
CA LYS A 295 13.25 15.46 1.98
C LYS A 295 11.97 14.97 1.31
N LYS A 296 11.07 14.40 2.11
CA LYS A 296 9.79 13.92 1.58
C LYS A 296 8.91 15.06 1.04
N LEU A 297 8.82 16.16 1.76
CA LEU A 297 7.99 17.29 1.32
C LEU A 297 8.54 17.88 0.01
N VAL A 298 9.86 18.02 -0.06
CA VAL A 298 10.51 18.52 -1.27
C VAL A 298 10.18 17.62 -2.46
N ASN A 299 10.45 16.33 -2.31
CA ASN A 299 10.16 15.36 -3.37
C ASN A 299 8.69 15.40 -3.78
N ASN A 300 7.80 15.64 -2.81
CA ASN A 300 6.38 15.78 -3.14
C ASN A 300 5.99 17.19 -3.60
N GLU A 301 6.98 18.06 -3.79
CA GLU A 301 6.76 19.42 -4.31
C GLU A 301 5.78 20.20 -3.44
N ILE A 302 5.93 20.08 -2.13
CA ILE A 302 4.97 20.68 -1.22
C ILE A 302 5.22 22.19 -1.12
N ILE A 303 4.15 22.96 -1.22
CA ILE A 303 4.21 24.40 -1.07
C ILE A 303 3.30 24.77 0.08
N LEU A 304 3.84 25.39 1.12
CA LEU A 304 3.01 25.87 2.22
C LEU A 304 3.01 27.40 2.22
N ASP A 305 1.88 27.96 1.80
CA ASP A 305 1.75 29.39 1.59
C ASP A 305 0.85 30.01 2.66
N ASP A 306 0.28 31.17 2.38
CA ASP A 306 -0.55 31.87 3.37
C ASP A 306 -1.91 31.24 3.59
N ASP A 307 -2.28 30.31 2.72
CA ASP A 307 -3.52 29.57 2.92
C ASP A 307 -3.24 28.35 3.80
N PHE A 308 -2.03 28.26 4.34
CA PHE A 308 -1.71 27.08 5.15
C PHE A 308 -1.16 27.48 6.50
N PRO A 309 -1.91 27.19 7.59
CA PRO A 309 -3.24 26.58 7.56
C PRO A 309 -4.29 27.59 7.05
N SER A 310 -5.46 27.07 6.69
CA SER A 310 -6.50 27.88 6.09
C SER A 310 -7.50 28.33 7.13
N VAL A 311 -7.68 29.65 7.27
CA VAL A 311 -8.74 30.13 8.16
C VAL A 311 -10.12 29.80 7.56
N MET A 312 -10.21 29.70 6.24
CA MET A 312 -11.49 29.34 5.63
C MET A 312 -11.93 27.93 6.07
N VAL A 313 -10.98 27.00 6.10
CA VAL A 313 -11.24 25.65 6.57
C VAL A 313 -11.63 25.70 8.05
N TYR A 314 -10.82 26.41 8.85
CA TYR A 314 -11.06 26.51 10.29
C TYR A 314 -12.42 27.14 10.59
N ASP A 315 -12.73 28.23 9.89
CA ASP A 315 -14.01 28.89 10.09
C ASP A 315 -15.19 27.99 9.67
N ALA A 316 -15.00 27.22 8.60
CA ALA A 316 -16.09 26.38 8.08
C ALA A 316 -16.45 25.28 9.07
N TYR A 317 -15.45 24.75 9.77
CA TYR A 317 -15.69 23.76 10.80
C TYR A 317 -16.14 24.37 12.12
N MET A 318 -15.56 25.52 12.49
CA MET A 318 -15.88 26.16 13.77
C MET A 318 -17.20 26.95 13.75
N ARG A 319 -17.57 27.47 12.59
CA ARG A 319 -18.78 28.28 12.49
C ARG A 319 -19.65 27.84 11.32
N PRO A 320 -20.02 26.56 11.28
CA PRO A 320 -20.90 26.17 10.18
C PRO A 320 -22.26 26.86 10.28
N GLU A 321 -22.97 26.91 9.17
CA GLU A 321 -24.30 27.49 9.15
C GLU A 321 -25.24 26.43 9.73
N VAL A 322 -25.70 26.63 10.96
CA VAL A 322 -26.64 25.71 11.60
C VAL A 322 -27.81 26.49 12.20
N ASP A 323 -28.92 25.79 12.46
CA ASP A 323 -30.04 26.38 13.17
C ASP A 323 -29.79 26.31 14.69
N HIS A 324 -29.89 27.45 15.37
CA HIS A 324 -29.54 27.54 16.79
C HIS A 324 -30.75 27.45 17.72
N ASP A 325 -31.93 27.24 17.12
CA ASP A 325 -33.19 27.10 17.86
C ASP A 325 -33.08 26.12 19.04
N THR A 326 -33.54 26.55 20.21
CA THR A 326 -33.48 25.70 21.40
C THR A 326 -34.80 25.01 21.74
N THR A 327 -35.82 25.18 20.89
CA THR A 327 -37.09 24.50 21.10
C THR A 327 -36.91 22.98 21.08
N PRO A 328 -37.30 22.30 22.16
CA PRO A 328 -37.14 20.84 22.22
C PRO A 328 -37.97 20.12 21.15
N PHE A 329 -37.52 18.94 20.74
CA PHE A 329 -38.29 18.15 19.78
C PHE A 329 -39.46 17.43 20.46
N VAL A 330 -40.51 17.18 19.70
CA VAL A 330 -41.66 16.44 20.20
C VAL A 330 -41.79 15.13 19.43
N TRP A 331 -41.85 14.02 20.15
CA TRP A 331 -42.06 12.73 19.53
C TRP A 331 -43.54 12.36 19.55
N GLY A 332 -44.06 11.92 18.41
CA GLY A 332 -45.44 11.46 18.35
C GLY A 332 -45.50 9.95 18.46
N VAL A 333 -46.70 9.41 18.26
CA VAL A 333 -46.92 7.97 18.25
C VAL A 333 -47.09 7.54 16.79
N PRO A 334 -46.53 6.38 16.42
CA PRO A 334 -46.74 5.89 15.05
C PRO A 334 -48.23 5.74 14.75
N ASP A 335 -48.64 6.20 13.57
CA ASP A 335 -50.03 6.12 13.14
C ASP A 335 -50.18 4.85 12.29
N LEU A 336 -50.70 3.79 12.89
CA LEU A 336 -50.79 2.49 12.21
C LEU A 336 -51.62 2.56 10.92
N ASP A 337 -52.77 3.23 10.99
CA ASP A 337 -53.65 3.37 9.83
C ASP A 337 -52.91 3.98 8.65
N MET A 338 -52.13 5.03 8.92
CA MET A 338 -51.48 5.77 7.84
C MET A 338 -50.18 5.11 7.38
N LEU A 339 -49.53 4.37 8.28
CA LEU A 339 -48.36 3.59 7.91
C LEU A 339 -48.79 2.40 7.03
N ARG A 340 -49.89 1.75 7.40
CA ARG A 340 -50.44 0.66 6.59
C ARG A 340 -50.69 1.11 5.14
N SER A 341 -51.44 2.19 5.00
CA SER A 341 -51.74 2.67 3.65
C SER A 341 -50.49 3.17 2.91
N PHE A 342 -49.55 3.76 3.65
CA PHE A 342 -48.31 4.24 3.03
C PHE A 342 -47.51 3.12 2.42
N MET A 343 -47.24 2.08 3.22
CA MET A 343 -46.48 0.92 2.75
C MET A 343 -47.23 0.14 1.66
N LYS A 344 -48.55 0.14 1.74
CA LYS A 344 -49.39 -0.50 0.72
C LYS A 344 -49.14 0.19 -0.60
N THR A 345 -49.34 1.50 -0.59
CA THR A 345 -49.19 2.34 -1.76
C THR A 345 -47.78 2.28 -2.35
N GLN A 346 -46.77 2.40 -1.49
CA GLN A 346 -45.38 2.56 -1.96
C GLN A 346 -44.72 1.24 -2.33
N LEU A 347 -45.09 0.18 -1.62
CA LEU A 347 -44.36 -1.09 -1.76
C LEU A 347 -45.25 -2.32 -1.98
N GLY A 348 -46.55 -2.12 -2.02
CA GLY A 348 -47.47 -3.23 -2.21
C GLY A 348 -47.65 -4.10 -0.97
N TRP A 349 -47.15 -3.65 0.17
CA TRP A 349 -47.26 -4.42 1.40
C TRP A 349 -48.71 -4.52 1.88
N PRO A 350 -49.25 -5.76 1.99
CA PRO A 350 -50.58 -5.84 2.58
C PRO A 350 -50.54 -5.37 4.03
N HIS A 351 -51.64 -4.84 4.54
CA HIS A 351 -51.67 -4.31 5.91
C HIS A 351 -51.18 -5.33 6.95
N GLU A 352 -51.50 -6.60 6.75
CA GLU A 352 -51.14 -7.63 7.73
C GLU A 352 -49.61 -7.77 7.83
N LYS A 353 -48.92 -7.57 6.71
CA LYS A 353 -47.47 -7.55 6.68
C LYS A 353 -46.94 -6.40 7.53
N SER A 354 -47.51 -5.21 7.33
CA SER A 354 -47.13 -4.03 8.10
C SER A 354 -47.42 -4.21 9.58
N ASP A 355 -48.60 -4.72 9.89
CA ASP A 355 -49.02 -4.96 11.26
C ASP A 355 -48.05 -5.86 12.01
N GLU A 356 -47.62 -6.94 11.36
CA GLU A 356 -46.77 -7.93 11.99
C GLU A 356 -45.50 -7.28 12.54
N ILE A 357 -45.01 -6.27 11.82
CA ILE A 357 -43.81 -5.54 12.22
C ILE A 357 -44.13 -4.37 13.16
N LEU A 358 -45.19 -3.63 12.85
CA LEU A 358 -45.43 -2.36 13.51
C LEU A 358 -46.12 -2.44 14.87
N ILE A 359 -47.05 -3.38 15.01
CA ILE A 359 -47.81 -3.53 16.26
C ILE A 359 -46.92 -3.73 17.51
N PRO A 360 -45.93 -4.65 17.44
CA PRO A 360 -45.02 -4.78 18.59
C PRO A 360 -44.27 -3.48 18.93
N LEU A 361 -43.99 -2.66 17.92
CA LEU A 361 -43.29 -1.38 18.13
C LEU A 361 -44.15 -0.34 18.82
N ILE A 362 -45.46 -0.42 18.63
CA ILE A 362 -46.40 0.54 19.20
C ILE A 362 -46.78 0.16 20.64
N GLY B 1 16.60 -7.96 -11.24
CA GLY B 1 15.59 -8.99 -11.14
C GLY B 1 14.26 -8.58 -11.74
N VAL B 2 13.29 -9.50 -11.70
CA VAL B 2 11.96 -9.20 -12.17
C VAL B 2 11.18 -8.69 -10.95
N HIS B 3 10.54 -7.53 -11.10
N HIS B 3 10.54 -7.53 -11.10
CA HIS B 3 9.88 -6.89 -9.98
CA HIS B 3 9.85 -6.90 -9.98
C HIS B 3 8.79 -7.79 -9.39
C HIS B 3 8.79 -7.82 -9.39
N SER B 4 8.82 -7.95 -8.06
CA SER B 4 7.87 -8.78 -7.33
C SER B 4 7.97 -10.28 -7.64
N PHE B 5 8.93 -10.70 -8.44
CA PHE B 5 8.97 -12.11 -8.83
C PHE B 5 9.13 -13.08 -7.65
N TRP B 6 9.91 -12.70 -6.65
CA TRP B 6 10.06 -13.58 -5.49
C TRP B 6 8.73 -13.77 -4.75
N ASP B 7 7.81 -12.81 -4.88
CA ASP B 7 6.48 -12.95 -4.25
C ASP B 7 5.75 -14.11 -4.90
N ILE B 8 5.93 -14.23 -6.20
CA ILE B 8 5.32 -15.29 -6.98
C ILE B 8 6.00 -16.63 -6.71
N ALA B 9 7.33 -16.65 -6.77
CA ALA B 9 8.09 -17.90 -6.62
C ALA B 9 8.22 -18.37 -5.17
N GLY B 10 8.14 -17.43 -4.24
CA GLY B 10 8.30 -17.71 -2.82
C GLY B 10 7.65 -18.97 -2.28
N PRO B 11 6.37 -19.19 -2.63
CA PRO B 11 5.73 -20.40 -2.08
C PRO B 11 6.31 -21.72 -2.58
N THR B 12 7.18 -21.68 -3.60
CA THR B 12 7.78 -22.92 -4.10
C THR B 12 9.12 -23.21 -3.41
N ALA B 13 9.52 -22.32 -2.51
CA ALA B 13 10.84 -22.42 -1.87
C ALA B 13 10.93 -23.66 -0.99
N ARG B 14 12.09 -24.30 -1.00
CA ARG B 14 12.38 -25.42 -0.08
CA ARG B 14 12.34 -25.38 -0.04
C ARG B 14 13.55 -25.08 0.85
N PRO B 15 13.29 -24.98 2.16
CA PRO B 15 14.38 -24.67 3.10
C PRO B 15 15.37 -25.82 3.12
N VAL B 16 16.66 -25.54 2.99
CA VAL B 16 17.66 -26.59 3.17
C VAL B 16 18.70 -26.13 4.18
N ARG B 17 19.29 -27.09 4.90
CA ARG B 17 20.25 -26.72 5.94
C ARG B 17 21.57 -26.32 5.28
N LEU B 18 22.26 -25.37 5.87
CA LEU B 18 23.58 -25.01 5.38
C LEU B 18 24.50 -26.25 5.39
N GLU B 19 24.29 -27.14 6.36
CA GLU B 19 25.09 -28.36 6.49
C GLU B 19 24.96 -29.26 5.27
N SER B 20 23.82 -29.16 4.58
CA SER B 20 23.57 -30.03 3.41
C SER B 20 24.39 -29.60 2.18
N LEU B 21 24.98 -28.40 2.22
CA LEU B 21 25.68 -27.86 1.05
C LEU B 21 27.15 -28.25 1.00
N GLU B 22 27.59 -29.12 1.91
CA GLU B 22 29.01 -29.49 1.99
C GLU B 22 29.52 -30.04 0.66
N ASP B 23 30.69 -29.55 0.22
CA ASP B 23 31.35 -30.00 -1.01
C ASP B 23 30.69 -29.55 -2.30
N LYS B 24 29.56 -28.86 -2.21
CA LYS B 24 28.90 -28.33 -3.39
C LYS B 24 29.68 -27.19 -4.05
N ARG B 25 29.82 -27.26 -5.38
CA ARG B 25 30.42 -26.18 -6.15
C ARG B 25 29.29 -25.19 -6.41
N MET B 26 29.49 -23.95 -6.01
CA MET B 26 28.43 -22.96 -6.07
C MET B 26 28.90 -21.75 -6.86
N ALA B 27 28.19 -21.39 -7.92
CA ALA B 27 28.44 -20.12 -8.59
C ALA B 27 27.95 -19.02 -7.67
N VAL B 28 28.83 -18.08 -7.32
CA VAL B 28 28.43 -16.96 -6.49
C VAL B 28 28.37 -15.70 -7.33
N ASP B 29 27.16 -15.19 -7.44
CA ASP B 29 26.92 -13.95 -8.17
C ASP B 29 27.35 -12.83 -7.26
N ALA B 30 28.52 -12.27 -7.51
CA ALA B 30 29.06 -11.28 -6.60
C ALA B 30 29.00 -9.89 -7.21
N SER B 31 28.19 -9.75 -8.27
CA SER B 31 28.22 -8.54 -9.08
C SER B 31 27.85 -7.32 -8.25
N ILE B 32 27.08 -7.55 -7.20
CA ILE B 32 26.45 -6.47 -6.47
C ILE B 32 27.05 -6.27 -5.07
N TRP B 33 27.92 -7.19 -4.67
CA TRP B 33 28.48 -7.13 -3.31
C TRP B 33 29.19 -5.82 -2.94
N ILE B 34 30.04 -5.30 -3.81
CA ILE B 34 30.80 -4.10 -3.43
C ILE B 34 29.88 -2.94 -3.10
N TYR B 35 28.80 -2.80 -3.86
CA TYR B 35 27.82 -1.75 -3.64
C TYR B 35 27.06 -1.92 -2.32
N GLN B 36 26.87 -3.17 -1.91
CA GLN B 36 26.14 -3.46 -0.68
C GLN B 36 26.98 -3.17 0.55
N PHE B 37 28.30 -3.08 0.36
CA PHE B 37 29.21 -2.83 1.47
C PHE B 37 29.66 -1.38 1.49
N LEU B 38 29.21 -0.59 0.52
CA LEU B 38 29.50 0.84 0.50
C LEU B 38 28.72 1.58 1.58
N VAL B 49 35.04 3.41 9.64
CA VAL B 49 35.33 2.04 9.21
C VAL B 49 35.82 1.98 7.77
N LYS B 50 37.13 1.81 7.60
CA LYS B 50 37.74 1.74 6.27
C LYS B 50 37.67 0.34 5.66
N ASN B 51 37.62 0.28 4.32
CA ASN B 51 37.67 -0.99 3.60
C ASN B 51 36.53 -1.96 3.93
N SER B 52 35.30 -1.44 3.93
CA SER B 52 34.12 -2.23 4.24
C SER B 52 33.87 -3.32 3.20
N HIS B 53 34.41 -3.15 2.00
CA HIS B 53 34.24 -4.18 0.97
C HIS B 53 35.03 -5.42 1.35
N ILE B 54 36.22 -5.20 1.91
CA ILE B 54 37.05 -6.32 2.36
C ILE B 54 36.42 -7.08 3.54
N THR B 55 35.94 -6.36 4.53
N THR B 55 35.95 -6.33 4.53
CA THR B 55 35.28 -6.99 5.67
CA THR B 55 35.27 -6.89 5.69
C THR B 55 34.04 -7.73 5.22
C THR B 55 34.04 -7.69 5.24
N GLY B 56 33.29 -7.10 4.33
CA GLY B 56 32.08 -7.70 3.78
C GLY B 56 32.36 -8.99 3.02
N PHE B 57 33.29 -8.95 2.08
CA PHE B 57 33.66 -10.15 1.34
C PHE B 57 34.24 -11.20 2.28
N PHE B 58 35.11 -10.78 3.20
CA PHE B 58 35.76 -11.74 4.11
C PHE B 58 34.73 -12.56 4.89
N ARG B 59 33.77 -11.87 5.48
CA ARG B 59 32.77 -12.54 6.32
C ARG B 59 31.91 -13.52 5.51
N ARG B 60 31.51 -13.10 4.31
CA ARG B 60 30.69 -13.97 3.47
C ARG B 60 31.49 -15.16 2.95
N ILE B 61 32.73 -14.91 2.49
CA ILE B 61 33.62 -16.01 2.12
C ILE B 61 33.78 -17.02 3.26
N CYS B 62 33.94 -16.52 4.49
CA CYS B 62 34.14 -17.44 5.62
C CYS B 62 32.89 -18.30 5.85
N LYS B 63 31.71 -17.70 5.68
CA LYS B 63 30.47 -18.45 5.85
C LYS B 63 30.39 -19.61 4.85
N LEU B 64 30.74 -19.34 3.59
CA LEU B 64 30.73 -20.37 2.57
C LEU B 64 31.72 -21.49 2.91
N LEU B 65 32.97 -21.13 3.19
CA LEU B 65 34.00 -22.13 3.46
C LEU B 65 33.77 -22.85 4.79
N TYR B 66 33.20 -22.15 5.76
CA TYR B 66 32.85 -22.80 7.03
C TYR B 66 31.91 -23.98 6.82
N PHE B 67 31.06 -23.91 5.80
CA PHE B 67 30.13 -25.01 5.54
C PHE B 67 30.60 -25.87 4.37
N GLY B 68 31.87 -25.74 4.01
CA GLY B 68 32.50 -26.63 3.05
C GLY B 68 32.06 -26.42 1.61
N ILE B 69 31.52 -25.25 1.33
CA ILE B 69 31.08 -24.93 -0.03
C ILE B 69 32.31 -24.61 -0.89
N ARG B 70 32.30 -25.03 -2.16
CA ARG B 70 33.39 -24.68 -3.09
C ARG B 70 32.90 -23.61 -4.07
N PRO B 71 33.12 -22.33 -3.71
CA PRO B 71 32.51 -21.26 -4.49
C PRO B 71 33.33 -20.86 -5.68
N VAL B 72 32.65 -20.42 -6.75
CA VAL B 72 33.35 -19.71 -7.80
CA VAL B 72 33.30 -19.74 -7.86
C VAL B 72 32.65 -18.37 -7.96
N PHE B 73 33.42 -17.32 -7.81
CA PHE B 73 32.87 -15.99 -7.79
C PHE B 73 32.73 -15.47 -9.20
N VAL B 74 31.59 -14.85 -9.48
CA VAL B 74 31.34 -14.31 -10.81
C VAL B 74 31.10 -12.80 -10.72
N PHE B 75 31.88 -12.04 -11.47
CA PHE B 75 31.75 -10.59 -11.47
C PHE B 75 31.08 -10.13 -12.76
N ASP B 76 30.44 -8.97 -12.72
CA ASP B 76 29.80 -8.40 -13.92
C ASP B 76 30.85 -8.02 -14.96
N GLY B 77 30.51 -8.23 -16.23
CA GLY B 77 31.29 -7.68 -17.33
C GLY B 77 30.61 -6.41 -17.79
N GLY B 78 30.21 -6.33 -19.05
CA GLY B 78 29.51 -5.17 -19.54
C GLY B 78 28.04 -5.06 -19.13
N VAL B 79 27.44 -3.92 -19.44
CA VAL B 79 26.00 -3.73 -19.26
C VAL B 79 25.37 -3.84 -20.65
N PRO B 80 24.34 -4.70 -20.81
CA PRO B 80 23.77 -4.80 -22.15
C PRO B 80 22.91 -3.58 -22.49
N VAL B 81 22.68 -3.32 -23.77
CA VAL B 81 22.04 -2.09 -24.20
C VAL B 81 20.62 -1.92 -23.62
N LEU B 82 19.85 -3.00 -23.62
CA LEU B 82 18.47 -2.94 -23.18
C LEU B 82 18.41 -2.51 -21.72
N LYS B 83 19.38 -2.96 -20.93
CA LYS B 83 19.41 -2.65 -19.50
C LYS B 83 19.80 -1.19 -19.29
N ARG B 84 20.80 -0.73 -20.03
CA ARG B 84 21.24 0.66 -19.95
C ARG B 84 20.07 1.59 -20.28
N GLU B 85 19.35 1.28 -21.35
CA GLU B 85 18.17 2.05 -21.75
C GLU B 85 17.11 2.12 -20.66
N THR B 86 16.76 0.96 -20.11
CA THR B 86 15.71 0.84 -19.10
C THR B 86 16.05 1.62 -17.82
N ILE B 87 17.33 1.59 -17.44
CA ILE B 87 17.81 2.43 -16.33
C ILE B 87 17.62 3.90 -16.66
N ARG B 88 18.12 4.29 -17.83
CA ARG B 88 18.08 5.69 -18.29
C ARG B 88 16.67 6.25 -18.32
N GLN B 89 15.68 5.40 -18.58
CA GLN B 89 14.28 5.82 -18.60
C GLN B 89 13.67 5.82 -17.19
N ARG B 90 14.43 5.34 -16.21
CA ARG B 90 13.98 5.34 -14.83
C ARG B 90 14.53 6.54 -14.08
N LYS B 91 15.60 7.14 -14.61
CA LYS B 91 16.08 8.42 -14.13
C LYS B 91 15.54 9.50 -15.05
N GLU B 92 14.26 9.39 -15.38
CA GLU B 92 13.62 10.24 -16.37
C GLU B 92 12.15 10.46 -16.03
N LYS B 140 42.23 11.52 -5.57
CA LYS B 140 42.63 11.72 -6.95
C LYS B 140 41.81 10.85 -7.90
N ARG B 141 41.24 9.78 -7.36
CA ARG B 141 40.51 8.81 -8.17
C ARG B 141 39.04 9.19 -8.37
N ASP B 142 38.51 8.85 -9.54
CA ASP B 142 37.08 8.97 -9.81
C ASP B 142 36.37 7.68 -9.37
N SER B 143 35.04 7.68 -9.45
CA SER B 143 34.22 6.55 -9.02
C SER B 143 34.61 5.25 -9.72
N ASP B 144 34.83 5.33 -11.03
CA ASP B 144 35.26 4.17 -11.80
C ASP B 144 36.58 3.64 -11.26
N GLU B 145 37.53 4.54 -11.02
CA GLU B 145 38.85 4.16 -10.53
C GLU B 145 38.79 3.48 -9.15
N VAL B 146 37.99 4.05 -8.25
CA VAL B 146 37.80 3.48 -6.92
C VAL B 146 37.16 2.10 -7.02
N THR B 147 36.15 1.99 -7.87
CA THR B 147 35.52 0.70 -8.13
C THR B 147 36.52 -0.35 -8.65
N MET B 148 37.36 0.03 -9.61
CA MET B 148 38.38 -0.85 -10.15
C MET B 148 39.29 -1.38 -9.04
N ASP B 149 39.68 -0.50 -8.13
CA ASP B 149 40.57 -0.89 -7.04
C ASP B 149 39.91 -1.85 -6.04
N MET B 150 38.64 -1.60 -5.73
CA MET B 150 37.91 -2.44 -4.76
C MET B 150 37.74 -3.84 -5.31
N ILE B 151 37.33 -3.91 -6.57
CA ILE B 151 37.25 -5.19 -7.26
C ILE B 151 38.58 -5.93 -7.25
N LYS B 152 39.67 -5.22 -7.56
CA LYS B 152 40.99 -5.83 -7.55
C LYS B 152 41.39 -6.38 -6.15
N GLU B 153 41.06 -5.62 -5.11
CA GLU B 153 41.41 -6.00 -3.74
C GLU B 153 40.60 -7.21 -3.29
N VAL B 154 39.34 -7.23 -3.66
CA VAL B 154 38.47 -8.32 -3.30
C VAL B 154 38.91 -9.58 -4.04
N GLN B 155 39.35 -9.41 -5.28
CA GLN B 155 39.84 -10.55 -6.05
C GLN B 155 41.17 -11.06 -5.52
N GLU B 156 42.00 -10.15 -5.01
CA GLU B 156 43.24 -10.57 -4.34
C GLU B 156 42.88 -11.41 -3.12
N LEU B 157 41.90 -10.95 -2.36
CA LEU B 157 41.45 -11.70 -1.18
C LEU B 157 41.01 -13.11 -1.59
N LEU B 158 40.16 -13.19 -2.62
CA LEU B 158 39.70 -14.50 -3.13
C LEU B 158 40.83 -15.46 -3.48
N SER B 159 41.85 -14.96 -4.18
CA SER B 159 42.94 -15.85 -4.59
CA SER B 159 42.95 -15.81 -4.60
C SER B 159 43.75 -16.32 -3.41
N ARG B 160 43.86 -15.50 -2.37
CA ARG B 160 44.62 -15.92 -1.18
C ARG B 160 43.82 -16.97 -0.40
N PHE B 161 42.51 -16.96 -0.59
CA PHE B 161 41.64 -17.99 -0.05
C PHE B 161 41.66 -19.24 -0.92
N GLY B 162 42.29 -19.16 -2.09
CA GLY B 162 42.32 -20.28 -3.02
C GLY B 162 41.00 -20.44 -3.78
N ILE B 163 40.22 -19.37 -3.84
CA ILE B 163 38.90 -19.43 -4.48
C ILE B 163 38.99 -18.86 -5.87
N PRO B 164 38.53 -19.63 -6.88
CA PRO B 164 38.56 -19.15 -8.26
C PRO B 164 37.48 -18.12 -8.51
N TYR B 165 37.74 -17.22 -9.46
CA TYR B 165 36.73 -16.26 -9.85
C TYR B 165 36.83 -16.02 -11.35
N ILE B 166 35.74 -15.53 -11.92
CA ILE B 166 35.73 -15.11 -13.33
C ILE B 166 34.99 -13.80 -13.46
N THR B 167 35.21 -13.15 -14.61
CA THR B 167 34.44 -11.98 -14.99
C THR B 167 33.61 -12.40 -16.18
N ALA B 168 32.29 -12.38 -16.02
CA ALA B 168 31.37 -12.74 -17.10
C ALA B 168 31.54 -11.76 -18.25
N PRO B 169 31.30 -12.20 -19.49
CA PRO B 169 31.32 -11.27 -20.62
C PRO B 169 30.37 -10.10 -20.39
N MET B 170 29.19 -10.41 -19.86
CA MET B 170 28.16 -9.41 -19.62
C MET B 170 27.55 -9.53 -18.22
N GLU B 171 26.28 -9.95 -18.11
CA GLU B 171 25.63 -10.09 -16.79
C GLU B 171 26.14 -11.32 -16.02
N ALA B 172 26.48 -11.13 -14.75
CA ALA B 172 26.96 -12.25 -13.94
C ALA B 172 25.95 -13.39 -13.79
N GLU B 173 24.68 -13.06 -13.56
CA GLU B 173 23.65 -14.08 -13.36
C GLU B 173 23.46 -14.93 -14.61
N ALA B 174 23.54 -14.32 -15.78
CA ALA B 174 23.46 -15.09 -17.00
C ALA B 174 24.62 -16.07 -17.04
N GLN B 175 25.79 -15.60 -16.62
CA GLN B 175 26.96 -16.48 -16.66
C GLN B 175 26.82 -17.59 -15.63
N CYS B 176 26.27 -17.25 -14.47
CA CYS B 176 26.03 -18.24 -13.41
C CYS B 176 25.14 -19.35 -13.95
N ALA B 177 24.08 -18.96 -14.63
CA ALA B 177 23.16 -19.94 -15.21
C ALA B 177 23.88 -20.86 -16.19
N GLU B 178 24.81 -20.29 -16.97
CA GLU B 178 25.57 -21.08 -17.93
C GLU B 178 26.57 -22.02 -17.25
N LEU B 179 27.24 -21.55 -16.19
CA LEU B 179 28.12 -22.42 -15.43
C LEU B 179 27.38 -23.66 -14.95
N LEU B 180 26.16 -23.48 -14.48
CA LEU B 180 25.38 -24.61 -13.99
C LEU B 180 25.00 -25.57 -15.14
N GLN B 181 24.57 -25.00 -16.27
CA GLN B 181 24.24 -25.80 -17.47
C GLN B 181 25.42 -26.68 -17.90
N LEU B 182 26.63 -26.17 -17.74
CA LEU B 182 27.84 -26.89 -18.15
C LEU B 182 28.36 -27.80 -17.04
N ASN B 183 27.59 -27.94 -15.97
CA ASN B 183 27.98 -28.72 -14.80
C ASN B 183 29.37 -28.35 -14.24
N LEU B 184 29.72 -27.07 -14.34
CA LEU B 184 30.96 -26.58 -13.72
C LEU B 184 30.70 -26.25 -12.26
N VAL B 185 29.42 -26.07 -11.93
CA VAL B 185 28.97 -25.90 -10.55
C VAL B 185 27.73 -26.73 -10.32
N ASP B 186 27.39 -26.92 -9.05
CA ASP B 186 26.25 -27.73 -8.66
C ASP B 186 25.04 -26.87 -8.29
N GLY B 187 25.28 -25.57 -8.08
CA GLY B 187 24.19 -24.68 -7.67
C GLY B 187 24.60 -23.22 -7.85
N ILE B 188 23.64 -22.31 -7.69
CA ILE B 188 23.91 -20.90 -7.86
C ILE B 188 23.45 -20.13 -6.64
N ILE B 189 24.36 -19.31 -6.11
CA ILE B 189 24.03 -18.47 -4.97
C ILE B 189 23.81 -17.08 -5.50
N THR B 190 22.56 -16.62 -5.44
CA THR B 190 22.18 -15.29 -5.88
C THR B 190 20.80 -14.94 -5.30
N ASP B 191 20.47 -13.66 -5.21
CA ASP B 191 19.12 -13.28 -4.82
C ASP B 191 18.43 -12.54 -5.98
N ASP B 192 19.05 -12.61 -7.15
CA ASP B 192 18.55 -11.88 -8.32
C ASP B 192 17.66 -12.81 -9.14
N SER B 193 16.35 -12.56 -9.16
CA SER B 193 15.42 -13.43 -9.89
C SER B 193 15.66 -13.51 -11.40
N ASP B 194 16.42 -12.57 -11.95
CA ASP B 194 16.78 -12.65 -13.38
C ASP B 194 17.37 -14.02 -13.75
N VAL B 195 18.05 -14.64 -12.79
CA VAL B 195 18.73 -15.91 -13.04
C VAL B 195 17.80 -16.99 -13.64
N PHE B 196 16.54 -17.00 -13.22
CA PHE B 196 15.57 -17.94 -13.79
C PHE B 196 15.29 -17.66 -15.26
N LEU B 197 15.22 -16.40 -15.60
CA LEU B 197 14.88 -16.01 -16.97
C LEU B 197 16.04 -16.32 -17.90
N PHE B 198 17.25 -16.37 -17.33
CA PHE B 198 18.46 -16.71 -18.07
C PHE B 198 18.68 -18.23 -18.14
N GLY B 199 17.66 -18.99 -17.72
CA GLY B 199 17.74 -20.44 -17.80
C GLY B 199 18.31 -21.08 -16.54
N GLY B 200 18.43 -20.30 -15.48
CA GLY B 200 18.99 -20.82 -14.24
C GLY B 200 18.04 -21.73 -13.46
N THR B 201 18.64 -22.65 -12.71
CA THR B 201 17.88 -23.40 -11.73
C THR B 201 18.80 -23.74 -10.55
N LYS B 202 18.28 -24.46 -9.55
CA LYS B 202 19.07 -24.77 -8.37
C LYS B 202 19.66 -23.50 -7.72
N ILE B 203 18.76 -22.59 -7.40
CA ILE B 203 19.10 -21.28 -6.85
C ILE B 203 19.00 -21.29 -5.33
N TYR B 204 20.01 -20.75 -4.67
CA TYR B 204 20.06 -20.68 -3.22
C TYR B 204 19.98 -19.22 -2.81
N LYS B 205 18.80 -18.85 -2.31
CA LYS B 205 18.49 -17.47 -1.97
C LYS B 205 18.62 -17.21 -0.46
N ASN B 206 18.97 -15.98 -0.09
CA ASN B 206 19.12 -15.58 1.32
C ASN B 206 20.25 -16.34 1.98
N MET B 207 21.28 -16.70 1.19
CA MET B 207 22.43 -17.40 1.72
C MET B 207 23.09 -16.61 2.86
N PHE B 208 23.02 -15.29 2.79
CA PHE B 208 23.73 -14.49 3.80
C PHE B 208 22.84 -13.81 4.84
N HIS B 209 21.61 -14.29 4.98
CA HIS B 209 20.81 -13.91 6.13
C HIS B 209 21.34 -14.74 7.28
N GLU B 210 21.10 -14.31 8.51
CA GLU B 210 21.57 -15.12 9.63
C GLU B 210 20.51 -16.10 10.10
N LYS B 211 20.27 -17.11 9.27
CA LYS B 211 19.35 -18.20 9.60
C LYS B 211 20.08 -19.53 9.50
N ASN B 212 19.51 -20.59 10.06
CA ASN B 212 20.13 -21.91 9.97
C ASN B 212 19.91 -22.57 8.59
N TYR B 213 18.96 -22.02 7.82
CA TYR B 213 18.60 -22.58 6.52
C TYR B 213 18.72 -21.54 5.40
N VAL B 214 18.76 -22.02 4.16
CA VAL B 214 18.65 -21.13 3.00
C VAL B 214 17.48 -21.59 2.15
N GLU B 215 17.02 -20.75 1.23
CA GLU B 215 15.86 -21.09 0.42
C GLU B 215 16.32 -21.67 -0.91
N PHE B 216 15.91 -22.90 -1.20
CA PHE B 216 16.26 -23.54 -2.47
C PHE B 216 15.13 -23.45 -3.48
N TYR B 217 15.43 -22.91 -4.67
CA TYR B 217 14.44 -22.81 -5.75
C TYR B 217 14.92 -23.58 -6.96
N ASP B 218 13.99 -24.18 -7.69
CA ASP B 218 14.35 -24.84 -8.94
C ASP B 218 13.28 -24.66 -10.00
N ALA B 219 13.70 -24.71 -11.25
CA ALA B 219 12.78 -24.51 -12.38
C ALA B 219 11.67 -25.57 -12.37
N GLU B 220 11.99 -26.79 -11.95
CA GLU B 220 11.00 -27.88 -11.94
C GLU B 220 9.83 -27.59 -11.02
N SER B 221 10.13 -27.16 -9.80
CA SER B 221 9.08 -26.88 -8.82
C SER B 221 8.21 -25.71 -9.29
N ILE B 222 8.83 -24.75 -9.95
CA ILE B 222 8.12 -23.56 -10.40
C ILE B 222 7.14 -23.95 -11.51
N LEU B 223 7.59 -24.81 -12.42
CA LEU B 223 6.71 -25.37 -13.44
C LEU B 223 5.58 -26.23 -12.82
N LYS B 224 5.95 -27.18 -11.98
CA LYS B 224 5.00 -28.10 -11.36
C LYS B 224 3.95 -27.38 -10.53
N LEU B 225 4.41 -26.42 -9.73
CA LEU B 225 3.52 -25.76 -8.78
C LEU B 225 2.82 -24.51 -9.31
N LEU B 226 3.45 -23.78 -10.22
CA LEU B 226 2.84 -22.54 -10.72
C LEU B 226 2.49 -22.64 -12.21
N GLY B 227 2.91 -23.71 -12.86
CA GLY B 227 2.66 -23.84 -14.28
C GLY B 227 3.50 -22.91 -15.14
N LEU B 228 4.58 -22.36 -14.59
CA LEU B 228 5.37 -21.41 -15.35
C LEU B 228 6.66 -22.00 -15.95
N ASP B 229 6.83 -21.87 -17.26
CA ASP B 229 8.09 -22.26 -17.90
C ASP B 229 8.92 -21.02 -18.16
N ARG B 230 10.09 -21.18 -18.78
CA ARG B 230 11.00 -20.06 -18.98
C ARG B 230 10.36 -18.95 -19.81
N LYS B 231 9.65 -19.32 -20.88
CA LYS B 231 8.97 -18.32 -21.70
C LYS B 231 7.89 -17.57 -20.91
N ASN B 232 7.18 -18.28 -20.05
CA ASN B 232 6.18 -17.62 -19.19
C ASN B 232 6.84 -16.55 -18.32
N MET B 233 7.99 -16.87 -17.74
CA MET B 233 8.66 -15.93 -16.85
C MET B 233 9.18 -14.72 -17.59
N ILE B 234 9.72 -14.95 -18.79
CA ILE B 234 10.14 -13.87 -19.67
C ILE B 234 8.95 -12.96 -20.02
N GLU B 235 7.77 -13.54 -20.20
CA GLU B 235 6.59 -12.74 -20.48
C GLU B 235 6.09 -12.01 -19.23
N LEU B 236 6.14 -12.70 -18.08
CA LEU B 236 5.82 -12.05 -16.81
C LEU B 236 6.67 -10.81 -16.60
N ALA B 237 7.93 -10.85 -17.05
CA ALA B 237 8.83 -9.71 -16.88
C ALA B 237 8.28 -8.48 -17.60
N GLN B 238 7.58 -8.71 -18.71
CA GLN B 238 7.08 -7.61 -19.52
C GLN B 238 5.78 -7.03 -18.96
N LEU B 239 5.25 -7.68 -17.92
CA LEU B 239 4.09 -7.15 -17.21
C LEU B 239 4.57 -6.47 -15.91
N LEU B 240 5.41 -7.19 -15.17
CA LEU B 240 5.93 -6.75 -13.89
C LEU B 240 7.03 -5.71 -14.01
N GLY B 241 7.80 -5.78 -15.09
CA GLY B 241 8.97 -4.93 -15.25
C GLY B 241 10.23 -5.62 -14.75
N SER B 242 11.37 -5.25 -15.32
CA SER B 242 12.67 -5.76 -14.90
C SER B 242 13.75 -4.80 -15.38
N ASP B 243 15.01 -5.24 -15.35
CA ASP B 243 16.09 -4.40 -15.88
C ASP B 243 16.02 -4.22 -17.41
N TYR B 244 15.18 -5.01 -18.08
CA TYR B 244 15.14 -5.02 -19.54
C TYR B 244 13.81 -4.54 -20.10
N THR B 245 12.92 -4.09 -19.22
CA THR B 245 11.56 -3.69 -19.61
C THR B 245 10.86 -3.01 -18.44
N ASN B 246 10.05 -1.99 -18.72
CA ASN B 246 9.40 -1.27 -17.65
C ASN B 246 8.05 -1.84 -17.21
N GLY B 247 7.58 -2.85 -17.93
CA GLY B 247 6.33 -3.51 -17.59
C GLY B 247 5.12 -2.63 -17.83
N LEU B 248 3.97 -3.05 -17.30
CA LEU B 248 2.73 -2.29 -17.48
C LEU B 248 2.25 -1.70 -16.17
N LYS B 249 1.91 -0.42 -16.21
CA LYS B 249 1.29 0.25 -15.06
C LYS B 249 0.07 -0.53 -14.57
N GLY B 250 0.02 -0.78 -13.27
CA GLY B 250 -1.12 -1.46 -12.67
C GLY B 250 -0.98 -2.96 -12.58
N MET B 251 0.04 -3.49 -13.24
CA MET B 251 0.25 -4.94 -13.25
C MET B 251 1.20 -5.36 -12.15
N GLY B 252 0.66 -5.86 -11.04
CA GLY B 252 1.48 -6.38 -9.97
C GLY B 252 1.51 -7.90 -10.08
N PRO B 253 2.06 -8.58 -9.06
CA PRO B 253 2.22 -10.03 -9.11
C PRO B 253 0.87 -10.75 -9.22
N VAL B 254 -0.19 -10.21 -8.63
CA VAL B 254 -1.49 -10.86 -8.70
C VAL B 254 -2.11 -10.75 -10.11
N SER B 255 -2.18 -9.53 -10.63
CA SER B 255 -2.77 -9.31 -11.95
C SER B 255 -1.96 -9.97 -13.06
N SER B 256 -0.65 -9.96 -12.90
CA SER B 256 0.24 -10.49 -13.93
C SER B 256 0.08 -12.01 -14.08
N ILE B 257 0.02 -12.71 -12.95
CA ILE B 257 -0.19 -14.15 -12.93
C ILE B 257 -1.57 -14.50 -13.50
N GLU B 258 -2.58 -13.71 -13.15
CA GLU B 258 -3.92 -13.92 -13.69
C GLU B 258 -3.95 -13.78 -15.21
N VAL B 259 -3.24 -12.78 -15.73
CA VAL B 259 -3.17 -12.60 -17.18
C VAL B 259 -2.55 -13.80 -17.89
N ILE B 260 -1.44 -14.32 -17.35
CA ILE B 260 -0.79 -15.47 -17.97
C ILE B 260 -1.69 -16.71 -17.87
N ALA B 261 -2.35 -16.88 -16.74
CA ALA B 261 -3.20 -18.05 -16.54
C ALA B 261 -4.40 -18.02 -17.50
N GLU B 262 -5.02 -16.85 -17.63
CA GLU B 262 -6.24 -16.72 -18.44
C GLU B 262 -5.96 -16.71 -19.95
N PHE B 263 -4.94 -15.96 -20.38
CA PHE B 263 -4.67 -15.82 -21.80
C PHE B 263 -3.54 -16.70 -22.33
N GLY B 264 -2.85 -17.40 -21.45
CA GLY B 264 -1.75 -18.26 -21.87
C GLY B 264 -0.48 -17.52 -22.26
N ASN B 265 -0.62 -16.50 -23.12
CA ASN B 265 0.54 -15.69 -23.52
C ASN B 265 0.18 -14.24 -23.84
N LEU B 266 1.20 -13.42 -24.07
CA LEU B 266 0.99 -11.99 -24.21
C LEU B 266 0.37 -11.60 -25.56
N LYS B 267 0.59 -12.42 -26.59
CA LYS B 267 -0.08 -12.21 -27.89
C LYS B 267 -1.59 -12.28 -27.73
N ASN B 268 -2.08 -13.37 -27.13
CA ASN B 268 -3.52 -13.52 -26.88
C ASN B 268 -4.06 -12.41 -25.98
N PHE B 269 -3.29 -12.07 -24.97
CA PHE B 269 -3.61 -10.94 -24.10
C PHE B 269 -3.76 -9.67 -24.93
N LYS B 270 -2.78 -9.40 -25.79
CA LYS B 270 -2.84 -8.21 -26.62
C LYS B 270 -4.06 -8.28 -27.54
N ASP B 271 -4.26 -9.43 -28.19
CA ASP B 271 -5.37 -9.57 -29.11
C ASP B 271 -6.71 -9.35 -28.44
N TRP B 272 -6.93 -9.99 -27.30
CA TRP B 272 -8.16 -9.78 -26.54
C TRP B 272 -8.38 -8.31 -26.25
N TYR B 273 -7.29 -7.58 -25.99
CA TYR B 273 -7.40 -6.18 -25.61
C TYR B 273 -7.76 -5.28 -26.79
N ASN B 274 -6.92 -5.31 -27.83
CA ASN B 274 -7.06 -4.41 -28.96
C ASN B 274 -8.30 -4.67 -29.82
N ASN B 275 -8.63 -5.94 -30.01
CA ASN B 275 -9.85 -6.33 -30.71
C ASN B 275 -11.08 -5.76 -30.01
N GLY B 276 -11.16 -5.98 -28.70
CA GLY B 276 -12.29 -5.54 -27.90
C GLY B 276 -12.49 -4.03 -27.82
N GLN B 277 -11.48 -3.25 -28.21
CA GLN B 277 -11.60 -1.79 -28.17
C GLN B 277 -11.79 -1.18 -29.56
N GLU B 284 -17.67 -7.24 -25.31
CA GLU B 284 -19.01 -6.76 -25.00
C GLU B 284 -19.78 -7.78 -24.16
N THR B 285 -19.41 -9.05 -24.29
CA THR B 285 -19.97 -10.12 -23.47
C THR B 285 -18.94 -10.59 -22.46
N GLU B 286 -17.95 -9.74 -22.20
CA GLU B 286 -16.81 -10.09 -21.35
C GLU B 286 -17.20 -10.50 -19.92
N ASN B 287 -16.54 -11.53 -19.42
CA ASN B 287 -16.78 -11.99 -18.05
C ASN B 287 -16.33 -10.93 -17.02
N LYS B 288 -16.50 -11.26 -15.74
CA LYS B 288 -16.12 -10.35 -14.67
C LYS B 288 -14.64 -9.96 -14.77
N PHE B 289 -13.76 -10.96 -14.82
CA PHE B 289 -12.32 -10.74 -14.87
C PHE B 289 -11.86 -9.88 -16.05
N GLU B 290 -12.38 -10.18 -17.24
CA GLU B 290 -12.02 -9.42 -18.44
C GLU B 290 -12.51 -7.98 -18.38
N LYS B 291 -13.70 -7.78 -17.81
CA LYS B 291 -14.28 -6.46 -17.72
C LYS B 291 -13.47 -5.54 -16.81
N ASP B 292 -13.10 -6.06 -15.64
CA ASP B 292 -12.33 -5.29 -14.67
C ASP B 292 -10.93 -4.97 -15.19
N LEU B 293 -10.34 -5.93 -15.89
CA LEU B 293 -8.98 -5.76 -16.43
C LEU B 293 -8.95 -4.70 -17.53
N ARG B 294 -9.94 -4.74 -18.42
CA ARG B 294 -10.00 -3.79 -19.53
C ARG B 294 -10.08 -2.34 -19.01
N LYS B 295 -10.95 -2.12 -18.04
CA LYS B 295 -11.09 -0.79 -17.45
C LYS B 295 -9.78 -0.34 -16.82
N LYS B 296 -9.12 -1.26 -16.14
CA LYS B 296 -7.83 -0.96 -15.53
C LYS B 296 -6.81 -0.55 -16.58
N LEU B 297 -6.76 -1.29 -17.69
CA LEU B 297 -5.81 -0.98 -18.75
C LEU B 297 -6.15 0.38 -19.36
N VAL B 298 -7.44 0.61 -19.62
CA VAL B 298 -7.90 1.89 -20.12
C VAL B 298 -7.54 3.01 -19.16
N ASN B 299 -7.86 2.80 -17.88
CA ASN B 299 -7.61 3.82 -16.86
C ASN B 299 -6.13 4.15 -16.72
N ASN B 300 -5.27 3.24 -17.17
CA ASN B 300 -3.83 3.46 -17.09
C ASN B 300 -3.22 3.79 -18.45
N GLU B 301 -4.08 4.01 -19.44
CA GLU B 301 -3.67 4.37 -20.80
C GLU B 301 -2.63 3.39 -21.35
N ILE B 302 -2.93 2.10 -21.25
CA ILE B 302 -2.01 1.08 -21.71
C ILE B 302 -2.17 0.85 -23.21
N ILE B 303 -1.08 1.02 -23.96
CA ILE B 303 -1.06 0.73 -25.38
C ILE B 303 -0.25 -0.54 -25.62
N LEU B 304 -0.83 -1.51 -26.32
CA LEU B 304 -0.14 -2.74 -26.64
C LEU B 304 0.08 -2.85 -28.14
N ASP B 305 1.21 -2.35 -28.61
CA ASP B 305 1.46 -2.29 -30.06
C ASP B 305 2.21 -3.50 -30.58
N ASP B 306 2.76 -3.36 -31.78
CA ASP B 306 3.45 -4.45 -32.47
C ASP B 306 4.74 -4.87 -31.77
N ASP B 307 5.17 -4.09 -30.78
CA ASP B 307 6.36 -4.41 -30.01
C ASP B 307 6.04 -5.18 -28.72
N PHE B 308 4.77 -5.53 -28.55
CA PHE B 308 4.31 -6.27 -27.38
C PHE B 308 3.71 -7.59 -27.84
N PRO B 309 4.31 -8.72 -27.43
CA PRO B 309 5.52 -8.82 -26.61
C PRO B 309 6.76 -8.45 -27.38
N SER B 310 7.85 -8.17 -26.68
CA SER B 310 9.08 -7.70 -27.31
C SER B 310 10.02 -8.83 -27.69
N VAL B 311 10.38 -8.88 -28.98
CA VAL B 311 11.34 -9.87 -29.45
C VAL B 311 12.73 -9.57 -28.86
N MET B 312 13.01 -8.31 -28.60
CA MET B 312 14.30 -7.91 -28.04
C MET B 312 14.47 -8.40 -26.59
N VAL B 313 13.41 -8.26 -25.81
CA VAL B 313 13.42 -8.73 -24.44
C VAL B 313 13.62 -10.25 -24.45
N TYR B 314 12.85 -10.95 -25.28
CA TYR B 314 12.95 -12.40 -25.39
C TYR B 314 14.36 -12.83 -25.72
N ASP B 315 14.98 -12.14 -26.66
CA ASP B 315 16.33 -12.51 -27.10
CA ASP B 315 16.33 -12.49 -27.11
C ASP B 315 17.36 -12.22 -26.01
N ALA B 316 17.13 -11.14 -25.27
CA ALA B 316 18.07 -10.73 -24.24
C ALA B 316 18.14 -11.78 -23.12
N TYR B 317 17.00 -12.39 -22.81
CA TYR B 317 16.96 -13.42 -21.77
C TYR B 317 17.30 -14.80 -22.32
N MET B 318 16.92 -15.08 -23.56
CA MET B 318 17.12 -16.40 -24.14
C MET B 318 18.53 -16.58 -24.69
N ARG B 319 19.14 -15.49 -25.12
CA ARG B 319 20.46 -15.54 -25.74
C ARG B 319 21.43 -14.51 -25.16
N PRO B 320 21.59 -14.48 -23.83
CA PRO B 320 22.53 -13.49 -23.27
C PRO B 320 23.95 -13.82 -23.68
N GLU B 321 24.83 -12.83 -23.63
CA GLU B 321 26.24 -13.10 -23.93
C GLU B 321 26.88 -13.81 -22.73
N VAL B 322 27.33 -15.05 -22.92
CA VAL B 322 27.98 -15.82 -21.86
C VAL B 322 29.21 -16.53 -22.40
N ASP B 323 30.10 -16.96 -21.52
CA ASP B 323 31.30 -17.72 -21.91
C ASP B 323 31.01 -19.22 -21.76
N HIS B 324 31.20 -19.97 -22.85
CA HIS B 324 30.89 -21.41 -22.87
C HIS B 324 32.08 -22.29 -22.53
N ASP B 325 33.17 -21.67 -22.09
CA ASP B 325 34.39 -22.38 -21.72
C ASP B 325 34.04 -23.52 -20.76
N THR B 326 34.53 -24.72 -21.07
CA THR B 326 34.21 -25.91 -20.29
C THR B 326 35.35 -26.38 -19.42
N THR B 327 36.37 -25.55 -19.29
CA THR B 327 37.48 -25.88 -18.38
C THR B 327 36.94 -25.91 -16.95
N PRO B 328 37.10 -27.04 -16.26
CA PRO B 328 36.61 -27.13 -14.88
C PRO B 328 37.37 -26.16 -13.98
N PHE B 329 36.71 -25.64 -12.95
CA PHE B 329 37.37 -24.73 -12.02
C PHE B 329 38.25 -25.53 -11.08
N VAL B 330 39.28 -24.85 -10.57
CA VAL B 330 40.21 -25.44 -9.63
C VAL B 330 40.15 -24.71 -8.28
N TRP B 331 40.00 -25.47 -7.20
CA TRP B 331 39.97 -24.89 -5.87
C TRP B 331 41.29 -25.16 -5.17
N GLY B 332 41.92 -24.11 -4.65
CA GLY B 332 43.11 -24.28 -3.84
C GLY B 332 42.75 -24.29 -2.36
N VAL B 333 43.74 -24.34 -1.49
CA VAL B 333 43.48 -24.24 -0.06
C VAL B 333 43.72 -22.79 0.37
N PRO B 334 43.07 -22.35 1.45
CA PRO B 334 43.33 -20.98 1.92
C PRO B 334 44.78 -20.85 2.33
N ASP B 335 45.41 -19.74 1.94
CA ASP B 335 46.83 -19.52 2.22
C ASP B 335 46.90 -18.67 3.50
N LEU B 336 47.11 -19.32 4.65
CA LEU B 336 47.06 -18.64 5.95
C LEU B 336 48.08 -17.51 6.03
N ASP B 337 49.32 -17.80 5.60
CA ASP B 337 50.38 -16.80 5.62
C ASP B 337 49.97 -15.54 4.87
N MET B 338 49.51 -15.72 3.63
CA MET B 338 49.15 -14.56 2.81
C MET B 338 47.87 -13.88 3.25
N LEU B 339 46.95 -14.64 3.86
CA LEU B 339 45.73 -14.04 4.39
C LEU B 339 46.05 -13.22 5.66
N ARG B 340 46.93 -13.76 6.49
CA ARG B 340 47.40 -13.03 7.66
C ARG B 340 47.93 -11.64 7.28
N SER B 341 48.86 -11.61 6.33
CA SER B 341 49.47 -10.34 5.94
C SER B 341 48.49 -9.43 5.20
N PHE B 342 47.56 -10.03 4.45
CA PHE B 342 46.55 -9.24 3.72
C PHE B 342 45.64 -8.52 4.71
N MET B 343 45.10 -9.28 5.66
CA MET B 343 44.18 -8.72 6.64
C MET B 343 44.88 -7.69 7.55
N LYS B 344 46.13 -7.97 7.91
CA LYS B 344 46.95 -7.04 8.66
C LYS B 344 47.08 -5.73 7.88
N THR B 345 47.50 -5.85 6.63
CA THR B 345 47.69 -4.66 5.79
C THR B 345 46.39 -3.89 5.56
N GLN B 346 45.31 -4.60 5.25
CA GLN B 346 44.10 -3.92 4.79
C GLN B 346 43.22 -3.40 5.92
N LEU B 347 43.23 -4.10 7.05
CA LEU B 347 42.35 -3.75 8.17
C LEU B 347 43.05 -3.69 9.51
N GLY B 348 44.37 -3.89 9.51
CA GLY B 348 45.13 -3.82 10.75
C GLY B 348 44.91 -4.96 11.72
N TRP B 349 44.35 -6.08 11.23
CA TRP B 349 44.20 -7.27 12.07
C TRP B 349 45.52 -7.93 12.45
N PRO B 350 45.75 -8.13 13.76
CA PRO B 350 46.88 -8.95 14.19
C PRO B 350 46.75 -10.36 13.60
N HIS B 351 47.87 -11.06 13.40
CA HIS B 351 47.82 -12.41 12.83
C HIS B 351 46.98 -13.37 13.68
N GLU B 352 47.07 -13.22 15.00
CA GLU B 352 46.38 -14.13 15.89
C GLU B 352 44.86 -13.97 15.75
N LYS B 353 44.42 -12.75 15.48
CA LYS B 353 42.99 -12.49 15.24
C LYS B 353 42.54 -13.20 13.95
N SER B 354 43.32 -13.05 12.89
CA SER B 354 43.06 -13.76 11.63
C SER B 354 43.03 -15.26 11.86
N ASP B 355 43.98 -15.75 12.64
CA ASP B 355 44.12 -17.17 12.90
C ASP B 355 42.89 -17.77 13.55
N GLU B 356 42.29 -17.03 14.47
CA GLU B 356 41.14 -17.54 15.20
C GLU B 356 40.02 -17.90 14.22
N ILE B 357 39.89 -17.10 13.17
CA ILE B 357 38.85 -17.35 12.18
C ILE B 357 39.26 -18.39 11.16
N LEU B 358 40.53 -18.33 10.74
CA LEU B 358 41.01 -19.00 9.53
C LEU B 358 41.60 -20.39 9.74
N ILE B 359 42.25 -20.59 10.88
CA ILE B 359 42.81 -21.91 11.18
C ILE B 359 41.79 -23.06 11.06
N PRO B 360 40.54 -22.85 11.55
CA PRO B 360 39.60 -23.96 11.33
C PRO B 360 39.31 -24.30 9.85
N LEU B 361 39.73 -23.42 8.93
CA LEU B 361 39.56 -23.65 7.49
C LEU B 361 40.70 -24.44 6.86
N ILE B 362 41.76 -24.72 7.63
CA ILE B 362 43.00 -25.32 7.11
C ILE B 362 43.08 -26.82 7.34
N ARG B 363 43.02 -27.61 6.26
CA ARG B 363 43.13 -29.06 6.36
C ARG B 363 44.58 -29.44 6.58
N ASP B 364 44.83 -30.55 7.28
CA ASP B 364 46.21 -31.01 7.51
C ASP B 364 46.73 -31.89 6.36
CA CA E . -19.48 15.84 5.53
K K F . -2.91 12.78 1.40
CA CA G . 20.09 -8.63 -13.04
K K H . 3.93 -2.99 -13.03
#